data_7OOV
#
_entry.id   7OOV
#
_cell.length_a   97.954
_cell.length_b   97.954
_cell.length_c   80.814
_cell.angle_alpha   90.000
_cell.angle_beta   90.000
_cell.angle_gamma   120.000
#
_symmetry.space_group_name_H-M   'P 65'
#
loop_
_entity.id
_entity.type
_entity.pdbx_description
1 polymer 'Serine/threonine-protein kinase pim-1'
2 polymer 'Inhibitor ARC-1411'
3 non-polymer 'SULFATE ION'
4 non-polymer 1,2-ETHANEDIOL
5 water water
#
loop_
_entity_poly.entity_id
_entity_poly.type
_entity_poly.pdbx_seq_one_letter_code
_entity_poly.pdbx_strand_id
1 'polypeptide(L)'
;SMLLSKINSLAHLRAAPCNDLHATKLAPGKEKEPLESQYQVGPLLGSGGFGSVYSGIRVSDNLPVAIKHVEKDRISDWGE
LPNGTRVPMEVVLLKKVSSGFSGVIRLLDWFERPDSFVLILERPEPVQDLFDFITERGALQEELARSFFWQVLEAVRHCH
NCGVLHRDIKDENILIDLNRGELKLIDFGSGALLKDTVYTDFDGTRVYSPPEWIRYHRYHGRSAAVWSLGILLYDMVCGD
IPFEHDEEIIGGQVFFRQRVSSECQHLIRWCLALRPSDRPTFEEIQNHPWMQDVLLPQETAEIHLHSLSPGPS
;
A
2 'polypeptide(D)' (6J9)(AZ1)(DAR)(DAR)(DAR)(DAR)(DAR)(DAR)(DAR)(NH2) B
#
# COMPACT_ATOMS: atom_id res chain seq x y z
N PRO A 34 10.64 -9.32 -27.04
CA PRO A 34 10.12 -8.18 -27.86
C PRO A 34 8.88 -7.51 -27.22
N LEU A 35 9.10 -6.39 -26.50
CA LEU A 35 8.09 -5.75 -25.60
C LEU A 35 6.82 -5.35 -26.38
N GLU A 36 6.94 -4.59 -27.47
CA GLU A 36 5.79 -3.87 -28.09
C GLU A 36 4.84 -4.87 -28.75
N SER A 37 5.28 -6.11 -29.05
CA SER A 37 4.48 -7.16 -29.74
C SER A 37 3.81 -8.12 -28.74
N GLN A 38 4.26 -8.16 -27.48
CA GLN A 38 3.72 -9.06 -26.42
C GLN A 38 2.51 -8.42 -25.73
N TYR A 39 2.36 -7.09 -25.80
CA TYR A 39 1.35 -6.34 -25.03
C TYR A 39 0.61 -5.36 -25.95
N GLN A 40 -0.71 -5.48 -26.01
CA GLN A 40 -1.60 -4.44 -26.57
C GLN A 40 -1.81 -3.35 -25.51
N VAL A 41 -1.36 -2.13 -25.79
CA VAL A 41 -1.37 -0.97 -24.86
C VAL A 41 -2.75 -0.31 -24.95
N GLY A 42 -3.45 -0.21 -23.83
CA GLY A 42 -4.75 0.47 -23.75
C GLY A 42 -4.59 1.88 -23.22
N PRO A 43 -5.61 2.43 -22.56
CA PRO A 43 -5.58 3.81 -22.11
C PRO A 43 -4.73 4.03 -20.83
N LEU A 44 -4.23 5.24 -20.68
CA LEU A 44 -3.60 5.75 -19.45
C LEU A 44 -4.52 5.51 -18.26
N LEU A 45 -4.07 4.76 -17.25
CA LEU A 45 -4.81 4.56 -15.98
C LEU A 45 -4.48 5.68 -14.99
N GLY A 46 -3.22 6.12 -14.95
CA GLY A 46 -2.83 7.34 -14.22
C GLY A 46 -1.35 7.64 -14.35
N SER A 47 -0.94 8.79 -13.82
CA SER A 47 0.48 9.21 -13.79
C SER A 47 0.73 10.08 -12.56
N GLY A 48 1.98 10.18 -12.15
CA GLY A 48 2.44 11.09 -11.07
C GLY A 48 3.86 10.72 -10.62
N GLY A 49 4.15 10.89 -9.33
CA GLY A 49 5.43 10.49 -8.70
C GLY A 49 5.87 9.09 -9.12
N PHE A 50 4.92 8.16 -9.32
CA PHE A 50 5.21 6.73 -9.64
C PHE A 50 5.62 6.55 -11.13
N GLY A 51 5.32 7.50 -12.01
CA GLY A 51 5.52 7.35 -13.48
C GLY A 51 4.19 7.42 -14.24
N SER A 52 4.05 6.67 -15.36
CA SER A 52 2.83 6.62 -16.21
C SER A 52 2.38 5.18 -16.33
N VAL A 53 1.14 4.88 -15.97
CA VAL A 53 0.61 3.48 -15.96
C VAL A 53 -0.52 3.35 -17.00
N TYR A 54 -0.42 2.36 -17.89
CA TYR A 54 -1.39 2.07 -18.98
C TYR A 54 -2.04 0.72 -18.71
N SER A 55 -3.31 0.63 -19.04
CA SER A 55 -4.06 -0.63 -19.18
C SER A 55 -3.48 -1.36 -20.36
N GLY A 56 -3.40 -2.67 -20.27
CA GLY A 56 -2.81 -3.52 -21.29
C GLY A 56 -3.41 -4.89 -21.23
N ILE A 57 -3.15 -5.65 -22.28
CA ILE A 57 -3.61 -7.04 -22.45
C ILE A 57 -2.41 -7.83 -22.95
N ARG A 58 -2.04 -8.90 -22.25
CA ARG A 58 -0.95 -9.78 -22.69
C ARG A 58 -1.45 -10.56 -23.90
N VAL A 59 -0.83 -10.34 -25.06
CA VAL A 59 -1.37 -10.75 -26.41
C VAL A 59 -1.52 -12.27 -26.45
N SER A 60 -0.59 -13.03 -25.86
CA SER A 60 -0.60 -14.52 -25.93
C SER A 60 -1.92 -15.04 -25.37
N ASP A 61 -2.25 -14.69 -24.13
CA ASP A 61 -3.33 -15.34 -23.34
C ASP A 61 -4.42 -14.32 -22.93
N ASN A 62 -4.35 -13.08 -23.42
CA ASN A 62 -5.30 -11.98 -23.08
C ASN A 62 -5.33 -11.68 -21.57
N LEU A 63 -4.25 -11.91 -20.83
CA LEU A 63 -4.21 -11.53 -19.39
C LEU A 63 -4.25 -10.01 -19.26
N PRO A 64 -5.17 -9.45 -18.46
CA PRO A 64 -5.14 -8.03 -18.12
C PRO A 64 -3.85 -7.67 -17.37
N VAL A 65 -3.13 -6.69 -17.85
CA VAL A 65 -1.91 -6.20 -17.17
C VAL A 65 -1.99 -4.69 -17.04
N ALA A 66 -1.11 -4.14 -16.22
CA ALA A 66 -0.82 -2.71 -16.11
C ALA A 66 0.62 -2.51 -16.53
N ILE A 67 0.87 -1.56 -17.40
CA ILE A 67 2.19 -1.28 -18.02
C ILE A 67 2.69 0.03 -17.46
N LYS A 68 3.70 -0.04 -16.60
CA LYS A 68 4.22 1.13 -15.86
C LYS A 68 5.54 1.55 -16.50
N HIS A 69 5.63 2.82 -16.86
CA HIS A 69 6.81 3.45 -17.44
C HIS A 69 7.44 4.36 -16.39
N VAL A 70 8.71 4.17 -16.15
CA VAL A 70 9.47 5.01 -15.20
C VAL A 70 10.68 5.58 -15.92
N GLU A 71 10.82 6.91 -15.91
CA GLU A 71 11.93 7.64 -16.56
C GLU A 71 13.20 7.44 -15.73
N LYS A 72 14.33 7.14 -16.35
CA LYS A 72 15.60 6.86 -15.63
C LYS A 72 16.03 8.07 -14.78
N ASP A 73 15.84 9.31 -15.26
CA ASP A 73 16.16 10.56 -14.52
C ASP A 73 15.40 10.65 -13.20
N ARG A 74 14.23 10.02 -13.10
CA ARG A 74 13.33 10.14 -11.92
C ARG A 74 13.63 9.03 -10.91
N ILE A 75 14.56 8.13 -11.21
CA ILE A 75 14.92 7.03 -10.26
C ILE A 75 16.14 7.46 -9.45
N SER A 76 15.98 7.71 -8.15
CA SER A 76 17.10 7.99 -7.19
C SER A 76 17.63 6.66 -6.61
N ASP A 77 16.74 5.73 -6.27
CA ASP A 77 17.07 4.47 -5.56
C ASP A 77 17.29 3.35 -6.57
N TRP A 78 18.52 2.88 -6.67
CA TRP A 78 18.92 1.77 -7.57
C TRP A 78 19.31 0.55 -6.76
N GLY A 79 19.16 -0.64 -7.34
CA GLY A 79 19.64 -1.90 -6.75
C GLY A 79 20.15 -2.82 -7.84
N GLU A 80 20.24 -4.12 -7.55
CA GLU A 80 20.67 -5.15 -8.52
C GLU A 80 20.06 -6.50 -8.13
N LEU A 81 19.95 -7.39 -9.11
CA LEU A 81 19.36 -8.76 -8.98
C LEU A 81 20.49 -9.78 -8.87
N PRO A 82 20.18 -11.08 -8.58
CA PRO A 82 21.18 -12.14 -8.70
C PRO A 82 22.25 -11.88 -9.79
N ASN A 83 21.82 -11.53 -11.00
CA ASN A 83 22.69 -11.32 -12.19
C ASN A 83 23.69 -10.19 -11.94
N GLY A 84 23.43 -9.32 -10.94
CA GLY A 84 24.19 -8.08 -10.73
C GLY A 84 23.92 -7.07 -11.83
N THR A 85 22.79 -7.18 -12.53
CA THR A 85 22.27 -6.14 -13.46
C THR A 85 21.59 -5.04 -12.64
N ARG A 86 21.77 -3.78 -13.03
CA ARG A 86 21.43 -2.57 -12.24
C ARG A 86 20.01 -2.11 -12.61
N VAL A 87 19.09 -2.10 -11.65
CA VAL A 87 17.64 -1.84 -11.90
C VAL A 87 17.14 -0.86 -10.85
N PRO A 88 15.96 -0.24 -11.08
CA PRO A 88 15.30 0.49 -10.02
C PRO A 88 15.05 -0.42 -8.81
N MET A 89 15.29 0.10 -7.61
CA MET A 89 14.90 -0.52 -6.31
C MET A 89 13.48 -1.08 -6.44
N GLU A 90 12.59 -0.38 -7.14
CA GLU A 90 11.18 -0.80 -7.26
C GLU A 90 11.15 -2.22 -7.85
N VAL A 91 12.03 -2.55 -8.80
CA VAL A 91 12.07 -3.88 -9.46
C VAL A 91 12.65 -4.90 -8.46
N VAL A 92 13.66 -4.51 -7.69
CA VAL A 92 14.25 -5.38 -6.65
C VAL A 92 13.15 -5.79 -5.65
N LEU A 93 12.41 -4.80 -5.17
CA LEU A 93 11.41 -5.02 -4.11
C LEU A 93 10.26 -5.86 -4.67
N LEU A 94 9.79 -5.55 -5.87
CA LEU A 94 8.66 -6.30 -6.45
C LEU A 94 9.05 -7.74 -6.64
N LYS A 95 10.26 -8.02 -7.11
CA LYS A 95 10.68 -9.43 -7.29
C LYS A 95 10.71 -10.12 -5.95
N LYS A 96 11.13 -9.44 -4.89
CA LYS A 96 11.25 -10.07 -3.55
C LYS A 96 9.85 -10.43 -3.06
N VAL A 97 8.82 -9.67 -3.42
CA VAL A 97 7.46 -9.91 -2.86
C VAL A 97 6.60 -10.69 -3.85
N SER A 98 7.04 -10.87 -5.10
CA SER A 98 6.13 -11.30 -6.20
C SER A 98 6.09 -12.84 -6.27
N SER A 99 6.75 -13.55 -5.37
CA SER A 99 6.73 -15.03 -5.41
C SER A 99 5.58 -15.56 -4.54
N GLY A 100 4.80 -16.49 -5.10
CA GLY A 100 3.57 -17.03 -4.53
C GLY A 100 2.42 -16.06 -4.70
N PHE A 101 1.25 -16.42 -4.20
CA PHE A 101 0.04 -15.58 -4.22
C PHE A 101 0.06 -14.72 -2.97
N SER A 102 -0.50 -13.53 -3.02
CA SER A 102 -0.66 -12.68 -1.83
C SER A 102 -1.47 -11.43 -2.20
N GLY A 103 -1.63 -10.54 -1.24
CA GLY A 103 -2.28 -9.25 -1.40
C GLY A 103 -1.32 -8.20 -1.93
N VAL A 104 -0.27 -8.61 -2.64
CA VAL A 104 0.66 -7.66 -3.34
C VAL A 104 0.50 -7.83 -4.84
N ILE A 105 0.40 -6.72 -5.54
CA ILE A 105 0.46 -6.68 -7.02
C ILE A 105 1.72 -7.38 -7.51
N ARG A 106 1.62 -8.35 -8.42
CA ARG A 106 2.80 -9.12 -8.86
C ARG A 106 3.44 -8.49 -10.10
N LEU A 107 4.75 -8.40 -10.09
CA LEU A 107 5.52 -8.03 -11.27
C LEU A 107 5.63 -9.25 -12.20
N LEU A 108 5.12 -9.16 -13.41
CA LEU A 108 5.08 -10.28 -14.39
C LEU A 108 6.33 -10.23 -15.25
N ASP A 109 6.80 -9.05 -15.60
CA ASP A 109 7.99 -8.88 -16.45
C ASP A 109 8.47 -7.45 -16.30
N TRP A 110 9.63 -7.17 -16.85
CA TRP A 110 10.17 -5.81 -16.95
C TRP A 110 11.13 -5.75 -18.12
N PHE A 111 11.38 -4.54 -18.57
CA PHE A 111 12.22 -4.24 -19.74
C PHE A 111 12.96 -2.96 -19.45
N GLU A 112 14.19 -2.87 -19.90
CA GLU A 112 14.96 -1.61 -19.91
C GLU A 112 14.89 -1.06 -21.32
N ARG A 113 14.60 0.24 -21.43
CA ARG A 113 14.72 1.05 -22.66
C ARG A 113 15.84 2.05 -22.44
N PRO A 114 16.28 2.78 -23.48
CA PRO A 114 17.34 3.77 -23.32
C PRO A 114 17.09 4.81 -22.22
N ASP A 115 15.88 5.33 -22.08
CA ASP A 115 15.60 6.45 -21.14
C ASP A 115 14.65 6.03 -20.01
N SER A 116 14.20 4.77 -19.99
CA SER A 116 13.08 4.35 -19.10
C SER A 116 13.17 2.87 -18.74
N PHE A 117 12.51 2.48 -17.68
CA PHE A 117 12.13 1.08 -17.41
C PHE A 117 10.64 0.93 -17.67
N VAL A 118 10.27 -0.24 -18.14
CA VAL A 118 8.87 -0.65 -18.32
C VAL A 118 8.62 -1.84 -17.43
N LEU A 119 7.63 -1.74 -16.57
CA LEU A 119 7.21 -2.81 -15.61
C LEU A 119 5.87 -3.35 -16.04
N ILE A 120 5.73 -4.67 -16.14
CA ILE A 120 4.43 -5.31 -16.48
C ILE A 120 3.86 -5.89 -15.18
N LEU A 121 2.71 -5.40 -14.76
CA LEU A 121 2.08 -5.73 -13.48
C LEU A 121 0.72 -6.38 -13.72
N GLU A 122 0.31 -7.16 -12.74
CA GLU A 122 -1.06 -7.69 -12.58
C GLU A 122 -2.03 -6.50 -12.64
N ARG A 123 -3.17 -6.69 -13.28
CA ARG A 123 -4.30 -5.74 -13.24
C ARG A 123 -5.55 -6.53 -12.90
N PRO A 124 -6.11 -6.36 -11.69
CA PRO A 124 -7.40 -6.93 -11.39
C PRO A 124 -8.44 -6.27 -12.28
N GLU A 125 -9.51 -6.99 -12.56
CA GLU A 125 -10.66 -6.52 -13.39
C GLU A 125 -11.89 -7.27 -12.90
N PRO A 126 -12.97 -6.57 -12.50
CA PRO A 126 -12.97 -5.13 -12.33
C PRO A 126 -12.30 -4.67 -11.02
N VAL A 127 -11.89 -3.40 -10.99
CA VAL A 127 -10.98 -2.85 -9.95
C VAL A 127 -11.41 -1.43 -9.62
N GLN A 128 -11.23 -1.02 -8.37
CA GLN A 128 -11.30 0.40 -7.95
C GLN A 128 -10.26 0.60 -6.87
N ASP A 129 -9.53 1.72 -6.89
CA ASP A 129 -8.55 1.96 -5.81
C ASP A 129 -9.36 2.37 -4.57
N LEU A 130 -8.79 2.12 -3.41
CA LEU A 130 -9.48 2.32 -2.15
C LEU A 130 -9.76 3.82 -1.95
N PHE A 131 -8.90 4.71 -2.45
CA PHE A 131 -9.14 6.16 -2.31
C PHE A 131 -10.50 6.51 -2.96
N ASP A 132 -10.71 6.06 -4.18
CA ASP A 132 -11.94 6.40 -4.96
C ASP A 132 -13.15 5.74 -4.32
N PHE A 133 -12.99 4.51 -3.86
CA PHE A 133 -14.03 3.74 -3.17
C PHE A 133 -14.53 4.54 -1.97
N ILE A 134 -13.64 5.06 -1.13
CA ILE A 134 -14.00 5.86 0.08
C ILE A 134 -14.60 7.22 -0.34
N THR A 135 -14.06 7.87 -1.34
CA THR A 135 -14.68 9.10 -1.91
C THR A 135 -16.15 8.79 -2.29
N GLU A 136 -16.42 7.70 -2.98
CA GLU A 136 -17.77 7.41 -3.50
C GLU A 136 -18.68 6.93 -2.39
N ARG A 137 -18.20 6.09 -1.49
CA ARG A 137 -19.12 5.43 -0.52
C ARG A 137 -19.09 6.15 0.82
N GLY A 138 -18.13 7.04 1.07
CA GLY A 138 -17.98 7.70 2.38
C GLY A 138 -17.36 6.74 3.41
N ALA A 139 -17.49 7.05 4.70
CA ALA A 139 -17.05 6.18 5.83
C ALA A 139 -17.56 4.76 5.61
N LEU A 140 -16.68 3.75 5.74
CA LEU A 140 -17.06 2.34 5.59
C LEU A 140 -17.66 1.82 6.89
N GLN A 141 -18.63 0.93 6.74
CA GLN A 141 -19.15 0.12 7.85
C GLN A 141 -17.98 -0.62 8.47
N GLU A 142 -18.02 -0.80 9.79
CA GLU A 142 -16.87 -1.43 10.51
C GLU A 142 -16.60 -2.83 9.97
N GLU A 143 -17.63 -3.61 9.65
CA GLU A 143 -17.42 -4.98 9.13
C GLU A 143 -16.60 -4.93 7.83
N LEU A 144 -16.85 -3.97 6.96
CA LEU A 144 -16.09 -3.84 5.70
C LEU A 144 -14.67 -3.29 5.99
N ALA A 145 -14.56 -2.30 6.86
CA ALA A 145 -13.22 -1.75 7.21
C ALA A 145 -12.38 -2.90 7.81
N ARG A 146 -12.97 -3.71 8.67
CA ARG A 146 -12.28 -4.85 9.32
C ARG A 146 -11.74 -5.81 8.26
N SER A 147 -12.56 -6.19 7.31
CA SER A 147 -12.16 -7.11 6.22
C SER A 147 -11.00 -6.49 5.42
N PHE A 148 -11.12 -5.23 5.05
CA PHE A 148 -10.11 -4.53 4.24
C PHE A 148 -8.81 -4.37 5.06
N PHE A 149 -8.92 -3.93 6.30
CA PHE A 149 -7.76 -3.66 7.16
C PHE A 149 -7.02 -4.97 7.43
N TRP A 150 -7.75 -6.04 7.67
CA TRP A 150 -7.15 -7.39 7.87
C TRP A 150 -6.31 -7.77 6.66
N GLN A 151 -6.85 -7.64 5.46
CA GLN A 151 -6.14 -7.99 4.22
C GLN A 151 -4.89 -7.13 4.05
N VAL A 152 -4.97 -5.85 4.39
CA VAL A 152 -3.80 -4.94 4.27
C VAL A 152 -2.75 -5.41 5.28
N LEU A 153 -3.16 -5.74 6.49
CA LEU A 153 -2.20 -6.30 7.47
C LEU A 153 -1.49 -7.56 6.94
N GLU A 154 -2.21 -8.54 6.41
CA GLU A 154 -1.62 -9.76 5.80
C GLU A 154 -0.63 -9.37 4.68
N ALA A 155 -0.98 -8.40 3.83
CA ALA A 155 -0.12 -7.97 2.71
C ALA A 155 1.16 -7.32 3.26
N VAL A 156 1.05 -6.53 4.31
CA VAL A 156 2.22 -5.83 4.88
C VAL A 156 3.10 -6.85 5.63
N ARG A 157 2.51 -7.84 6.26
CA ARG A 157 3.30 -8.91 6.90
C ARG A 157 4.08 -9.64 5.80
N HIS A 158 3.44 -9.90 4.67
CA HIS A 158 4.11 -10.62 3.57
C HIS A 158 5.32 -9.80 3.13
N CYS A 159 5.14 -8.51 2.88
CA CYS A 159 6.27 -7.63 2.49
C CYS A 159 7.38 -7.77 3.52
N HIS A 160 7.07 -7.59 4.80
CA HIS A 160 8.11 -7.58 5.85
C HIS A 160 8.82 -8.95 5.85
N ASN A 161 8.07 -10.05 5.70
CA ASN A 161 8.62 -11.42 5.68
C ASN A 161 9.53 -11.62 4.46
N CYS A 162 9.31 -10.87 3.39
CA CYS A 162 10.16 -10.91 2.19
C CYS A 162 11.34 -9.89 2.27
N GLY A 163 11.48 -9.15 3.38
CA GLY A 163 12.59 -8.16 3.55
C GLY A 163 12.29 -6.84 2.87
N VAL A 164 11.01 -6.51 2.65
CA VAL A 164 10.60 -5.27 1.96
C VAL A 164 9.76 -4.38 2.86
N LEU A 165 10.10 -3.11 2.92
CA LEU A 165 9.32 -2.06 3.60
C LEU A 165 8.68 -1.21 2.51
N HIS A 166 7.36 -1.16 2.46
CA HIS A 166 6.64 -0.37 1.41
C HIS A 166 6.84 1.16 1.58
N ARG A 167 6.69 1.67 2.79
CA ARG A 167 6.93 3.11 3.13
C ARG A 167 5.88 4.04 2.50
N ASP A 168 4.82 3.58 1.89
CA ASP A 168 3.79 4.52 1.38
C ASP A 168 2.41 3.85 1.44
N ILE A 169 2.09 3.22 2.56
CA ILE A 169 0.79 2.53 2.70
C ILE A 169 -0.24 3.65 2.79
N LYS A 170 -1.24 3.63 1.95
CA LYS A 170 -2.34 4.61 1.99
C LYS A 170 -3.42 4.13 1.03
N ASP A 171 -4.62 4.69 1.15
CA ASP A 171 -5.77 4.26 0.32
C ASP A 171 -5.45 4.31 -1.19
N GLU A 172 -4.68 5.28 -1.65
CA GLU A 172 -4.35 5.44 -3.10
C GLU A 172 -3.47 4.28 -3.59
N ASN A 173 -2.79 3.56 -2.69
CA ASN A 173 -1.85 2.48 -3.08
C ASN A 173 -2.50 1.11 -2.82
N ILE A 174 -3.83 1.06 -2.66
CA ILE A 174 -4.58 -0.20 -2.44
C ILE A 174 -5.65 -0.34 -3.53
N LEU A 175 -5.61 -1.43 -4.28
CA LEU A 175 -6.65 -1.77 -5.29
C LEU A 175 -7.62 -2.76 -4.68
N ILE A 176 -8.90 -2.59 -4.96
CA ILE A 176 -9.96 -3.58 -4.62
C ILE A 176 -10.35 -4.35 -5.89
N ASP A 177 -10.18 -5.65 -5.86
CA ASP A 177 -10.78 -6.59 -6.84
C ASP A 177 -12.24 -6.78 -6.45
N LEU A 178 -13.12 -6.07 -7.14
CA LEU A 178 -14.52 -5.87 -6.74
C LEU A 178 -15.30 -7.20 -6.80
N ASN A 179 -14.85 -8.19 -7.58
CA ASN A 179 -15.60 -9.47 -7.72
C ASN A 179 -15.06 -10.48 -6.72
N ARG A 180 -13.76 -10.46 -6.42
CA ARG A 180 -13.16 -11.44 -5.48
C ARG A 180 -13.12 -10.86 -4.04
N GLY A 181 -13.29 -9.54 -3.85
CA GLY A 181 -13.21 -8.91 -2.51
C GLY A 181 -11.79 -8.94 -1.93
N GLU A 182 -10.78 -8.99 -2.80
CA GLU A 182 -9.35 -9.04 -2.45
C GLU A 182 -8.73 -7.66 -2.63
N LEU A 183 -7.94 -7.22 -1.65
CA LEU A 183 -7.14 -5.98 -1.70
C LEU A 183 -5.74 -6.34 -2.19
N LYS A 184 -5.16 -5.50 -3.01
CA LYS A 184 -3.77 -5.61 -3.50
C LYS A 184 -3.01 -4.32 -3.24
N LEU A 185 -1.82 -4.45 -2.70
CA LEU A 185 -0.91 -3.34 -2.45
C LEU A 185 -0.16 -3.02 -3.74
N ILE A 186 -0.11 -1.73 -4.11
CA ILE A 186 0.69 -1.29 -5.29
C ILE A 186 1.70 -0.23 -4.88
N ASP A 187 2.58 0.10 -5.83
CA ASP A 187 3.53 1.24 -5.83
C ASP A 187 4.59 1.10 -4.74
N PHE A 188 5.59 0.30 -5.03
CA PHE A 188 6.80 0.10 -4.22
C PHE A 188 7.92 1.07 -4.62
N GLY A 189 7.59 2.13 -5.34
CA GLY A 189 8.60 3.09 -5.82
C GLY A 189 9.17 3.98 -4.72
N SER A 190 8.61 4.01 -3.51
CA SER A 190 9.17 4.75 -2.34
C SER A 190 9.75 3.78 -1.33
N GLY A 191 9.74 2.48 -1.61
CA GLY A 191 10.03 1.43 -0.64
C GLY A 191 11.52 1.26 -0.40
N ALA A 192 11.89 0.34 0.47
CA ALA A 192 13.30 0.08 0.81
C ALA A 192 13.40 -1.35 1.24
N LEU A 193 14.60 -1.90 1.22
CA LEU A 193 14.88 -3.13 1.97
C LEU A 193 14.57 -2.86 3.45
N LEU A 194 13.96 -3.80 4.10
CA LEU A 194 13.64 -3.69 5.53
C LEU A 194 14.94 -3.88 6.33
N LYS A 195 15.21 -2.99 7.28
CA LYS A 195 16.38 -3.09 8.19
C LYS A 195 15.90 -2.78 9.61
N ASP A 196 16.70 -3.11 10.61
CA ASP A 196 16.37 -2.92 12.04
C ASP A 196 16.96 -1.59 12.52
N THR A 197 17.77 -0.92 11.70
CA THR A 197 18.44 0.35 12.06
C THR A 197 17.60 1.53 11.56
N VAL A 198 18.02 2.74 11.90
CA VAL A 198 17.16 3.95 11.70
C VAL A 198 17.15 4.29 10.21
N TYR A 199 16.01 4.75 9.68
CA TYR A 199 15.89 5.38 8.33
C TYR A 199 15.93 6.90 8.50
N THR A 200 16.64 7.60 7.62
CA THR A 200 16.83 9.08 7.68
C THR A 200 16.37 9.73 6.36
N ASP A 201 15.82 8.93 5.47
CA ASP A 201 15.25 9.33 4.17
C ASP A 201 13.77 8.95 4.17
N PHE A 202 12.94 9.75 3.54
CA PHE A 202 11.49 9.48 3.37
C PHE A 202 10.95 10.29 2.19
N ASP A 203 10.28 9.61 1.27
CA ASP A 203 9.76 10.15 0.01
C ASP A 203 8.35 9.58 -0.21
N GLY A 204 7.72 9.03 0.86
CA GLY A 204 6.30 8.64 0.87
C GLY A 204 5.37 9.85 1.11
N THR A 205 4.11 9.59 1.44
CA THR A 205 3.08 10.65 1.63
C THR A 205 3.18 11.25 3.05
N ARG A 206 3.31 12.60 3.14
CA ARG A 206 3.59 13.32 4.41
C ARG A 206 2.54 12.99 5.48
N VAL A 207 1.27 13.05 5.11
CA VAL A 207 0.13 13.09 6.06
C VAL A 207 -0.07 11.68 6.55
N TYR A 208 0.67 10.70 5.99
CA TYR A 208 0.66 9.28 6.48
C TYR A 208 1.99 8.98 7.21
N SER A 209 2.84 10.01 7.31
CA SER A 209 4.18 10.02 7.95
C SER A 209 4.08 10.34 9.44
N PRO A 210 4.94 9.71 10.22
CA PRO A 210 4.77 9.68 11.65
C PRO A 210 5.46 10.87 12.27
N PRO A 211 5.13 11.14 13.51
CA PRO A 211 5.59 12.31 14.19
C PRO A 211 7.12 12.32 14.36
N GLU A 212 7.74 11.16 14.55
CA GLU A 212 9.21 11.05 14.72
C GLU A 212 9.87 11.51 13.41
N TRP A 213 9.24 11.32 12.26
CA TRP A 213 9.80 11.84 10.97
C TRP A 213 9.65 13.37 10.96
N ILE A 214 8.46 13.86 11.26
CA ILE A 214 8.16 15.32 11.33
C ILE A 214 9.19 16.00 12.24
N ARG A 215 9.40 15.49 13.45
CA ARG A 215 10.21 16.16 14.50
C ARG A 215 11.69 15.91 14.28
N TYR A 216 12.11 14.70 13.92
CA TYR A 216 13.55 14.27 14.00
C TYR A 216 14.12 13.80 12.67
N HIS A 217 13.33 13.70 11.60
CA HIS A 217 13.80 13.12 10.31
C HIS A 217 14.45 11.75 10.59
N ARG A 218 13.89 11.00 11.52
CA ARG A 218 14.31 9.60 11.83
C ARG A 218 13.07 8.73 12.04
N TYR A 219 13.10 7.47 11.61
CA TYR A 219 12.05 6.49 11.96
C TYR A 219 12.60 5.08 11.82
N HIS A 220 11.95 4.12 12.47
CA HIS A 220 12.21 2.67 12.28
C HIS A 220 11.07 2.10 11.43
N GLY A 221 11.36 1.09 10.62
CA GLY A 221 10.44 0.66 9.54
C GLY A 221 9.12 0.20 10.10
N ARG A 222 9.15 -0.74 11.02
CA ARG A 222 7.92 -1.42 11.48
C ARG A 222 7.01 -0.42 12.17
N SER A 223 7.56 0.36 13.10
CA SER A 223 6.74 1.28 13.92
C SER A 223 6.18 2.39 13.03
N ALA A 224 6.91 2.82 11.99
CA ALA A 224 6.40 3.83 11.01
C ALA A 224 5.31 3.20 10.15
N ALA A 225 5.42 1.91 9.81
CA ALA A 225 4.38 1.19 9.03
C ALA A 225 3.09 1.13 9.88
N VAL A 226 3.21 0.92 11.19
CA VAL A 226 2.04 0.82 12.08
C VAL A 226 1.34 2.19 12.15
N TRP A 227 2.10 3.27 12.23
CA TRP A 227 1.50 4.63 12.16
C TRP A 227 0.66 4.78 10.89
N SER A 228 1.24 4.47 9.72
CA SER A 228 0.54 4.61 8.42
C SER A 228 -0.73 3.74 8.40
N LEU A 229 -0.70 2.59 9.09
CA LEU A 229 -1.88 1.71 9.21
C LEU A 229 -2.95 2.34 10.11
N GLY A 230 -2.57 3.05 11.16
CA GLY A 230 -3.57 3.77 11.96
C GLY A 230 -4.23 4.89 11.15
N ILE A 231 -3.44 5.63 10.34
CA ILE A 231 -3.97 6.70 9.44
C ILE A 231 -4.98 6.04 8.49
N LEU A 232 -4.60 4.92 7.90
CA LEU A 232 -5.45 4.19 6.92
C LEU A 232 -6.74 3.71 7.60
N LEU A 233 -6.66 3.16 8.83
CA LEU A 233 -7.88 2.63 9.48
C LEU A 233 -8.83 3.82 9.79
N TYR A 234 -8.32 4.90 10.29
CA TYR A 234 -9.12 6.13 10.54
C TYR A 234 -9.79 6.55 9.23
N ASP A 235 -9.03 6.64 8.18
CA ASP A 235 -9.50 6.97 6.81
C ASP A 235 -10.69 6.08 6.40
N MET A 236 -10.64 4.79 6.68
CA MET A 236 -11.71 3.87 6.31
C MET A 236 -12.95 4.14 7.17
N VAL A 237 -12.82 4.31 8.47
CA VAL A 237 -14.01 4.36 9.35
C VAL A 237 -14.52 5.78 9.46
N CYS A 238 -13.75 6.79 9.09
CA CYS A 238 -14.17 8.22 9.17
C CYS A 238 -14.38 8.83 7.78
N GLY A 239 -13.84 8.23 6.72
CA GLY A 239 -14.01 8.74 5.35
C GLY A 239 -12.95 9.72 4.92
N ASP A 240 -12.05 10.10 5.80
CA ASP A 240 -10.87 10.93 5.46
C ASP A 240 -9.79 10.77 6.54
N ILE A 241 -8.59 11.20 6.23
CA ILE A 241 -7.40 11.08 7.10
C ILE A 241 -7.56 12.05 8.27
N PRO A 242 -7.01 11.70 9.42
CA PRO A 242 -7.24 12.46 10.65
C PRO A 242 -6.50 13.80 10.74
N PHE A 243 -5.34 13.93 10.10
CA PHE A 243 -4.42 15.06 10.27
C PHE A 243 -4.14 15.69 8.90
N GLU A 244 -3.96 16.99 8.87
CA GLU A 244 -3.53 17.76 7.68
C GLU A 244 -2.21 18.49 7.96
N HIS A 245 -2.07 19.14 9.11
CA HIS A 245 -0.88 19.97 9.44
C HIS A 245 0.10 19.18 10.33
N ASP A 246 1.38 19.54 10.26
CA ASP A 246 2.48 19.01 11.12
C ASP A 246 2.05 19.03 12.59
N GLU A 247 1.44 20.11 13.06
CA GLU A 247 1.13 20.32 14.50
C GLU A 247 0.10 19.29 14.97
N GLU A 248 -0.84 18.93 14.12
CA GLU A 248 -1.81 17.85 14.42
C GLU A 248 -1.07 16.51 14.49
N ILE A 249 -0.16 16.25 13.56
CA ILE A 249 0.59 14.93 13.56
C ILE A 249 1.33 14.76 14.89
N ILE A 250 2.02 15.77 15.37
CA ILE A 250 2.85 15.63 16.59
C ILE A 250 2.03 15.89 17.84
N GLY A 251 0.77 16.32 17.74
CA GLY A 251 -0.04 16.81 18.88
C GLY A 251 -0.55 15.69 19.79
N GLY A 252 -0.78 14.52 19.26
CA GLY A 252 -1.15 13.32 20.05
C GLY A 252 -2.64 13.25 20.40
N GLN A 253 -3.50 14.02 19.70
CA GLN A 253 -4.98 13.96 19.87
C GLN A 253 -5.62 13.50 18.57
N VAL A 254 -6.48 12.53 18.66
CA VAL A 254 -7.29 12.04 17.53
C VAL A 254 -8.74 12.42 17.84
N PHE A 255 -9.35 13.19 16.97
CA PHE A 255 -10.78 13.53 17.09
C PHE A 255 -11.56 12.62 16.12
N PHE A 256 -12.63 11.95 16.58
CA PHE A 256 -13.51 11.14 15.73
C PHE A 256 -14.67 11.99 15.24
N ARG A 257 -14.79 12.10 13.93
CA ARG A 257 -15.81 12.90 13.21
C ARG A 257 -17.02 12.02 12.84
N GLN A 258 -16.91 10.68 12.96
CA GLN A 258 -18.02 9.74 12.69
C GLN A 258 -18.22 8.95 13.97
N ARG A 259 -19.34 8.26 14.06
CA ARG A 259 -19.60 7.26 15.08
C ARG A 259 -18.68 6.06 14.78
N VAL A 260 -17.75 5.79 15.67
CA VAL A 260 -16.81 4.65 15.61
C VAL A 260 -16.87 3.92 16.94
N SER A 261 -16.93 2.58 16.93
CA SER A 261 -17.01 1.76 18.16
C SER A 261 -15.82 2.09 19.07
N SER A 262 -15.96 1.87 20.36
CA SER A 262 -14.90 2.10 21.35
C SER A 262 -13.68 1.23 21.06
N GLU A 263 -13.89 -0.01 20.61
CA GLU A 263 -12.78 -0.94 20.32
C GLU A 263 -12.02 -0.44 19.09
N CYS A 264 -12.71 0.03 18.07
CA CYS A 264 -12.03 0.56 16.87
C CYS A 264 -11.24 1.85 17.23
N GLN A 265 -11.83 2.77 17.99
CA GLN A 265 -11.12 4.00 18.44
C GLN A 265 -9.87 3.59 19.22
N HIS A 266 -9.99 2.57 20.05
CA HIS A 266 -8.84 2.11 20.86
C HIS A 266 -7.71 1.68 19.92
N LEU A 267 -8.03 0.86 18.90
CA LEU A 267 -6.97 0.30 18.03
C LEU A 267 -6.32 1.46 17.30
N ILE A 268 -7.13 2.40 16.83
CA ILE A 268 -6.61 3.51 16.00
C ILE A 268 -5.66 4.32 16.88
N ARG A 269 -6.09 4.74 18.06
CA ARG A 269 -5.27 5.57 18.96
C ARG A 269 -3.99 4.82 19.40
N TRP A 270 -4.04 3.52 19.46
CA TRP A 270 -2.84 2.69 19.76
C TRP A 270 -1.84 2.73 18.58
N CYS A 271 -2.31 2.52 17.35
CA CYS A 271 -1.49 2.64 16.13
C CYS A 271 -0.90 4.04 16.00
N LEU A 272 -1.64 5.05 16.42
CA LEU A 272 -1.20 6.44 16.33
C LEU A 272 -0.59 6.93 17.66
N ALA A 273 -0.02 6.05 18.45
CA ALA A 273 0.77 6.46 19.63
C ALA A 273 1.92 7.36 19.17
N LEU A 274 2.14 8.48 19.86
CA LEU A 274 3.23 9.44 19.57
C LEU A 274 4.59 8.75 19.68
N ARG A 275 4.82 7.98 20.73
CA ARG A 275 6.11 7.26 20.91
C ARG A 275 6.06 6.00 20.08
N PRO A 276 7.01 5.80 19.13
CA PRO A 276 7.00 4.61 18.28
C PRO A 276 6.95 3.31 19.09
N SER A 277 7.64 3.24 20.24
CA SER A 277 7.67 1.98 21.05
C SER A 277 6.32 1.75 21.80
N ASP A 278 5.39 2.70 21.82
CA ASP A 278 4.03 2.51 22.41
C ASP A 278 3.04 1.93 21.37
N ARG A 279 3.45 1.82 20.10
CA ARG A 279 2.57 1.30 19.02
C ARG A 279 2.53 -0.22 19.08
N PRO A 280 1.40 -0.84 18.68
CA PRO A 280 1.30 -2.30 18.66
C PRO A 280 2.18 -2.91 17.59
N THR A 281 2.62 -4.15 17.81
CA THR A 281 3.20 -4.99 16.77
C THR A 281 2.06 -5.45 15.85
N PHE A 282 2.39 -6.02 14.68
CA PHE A 282 1.37 -6.61 13.78
C PHE A 282 0.57 -7.66 14.53
N GLU A 283 1.25 -8.47 15.36
CA GLU A 283 0.60 -9.54 16.12
C GLU A 283 -0.45 -8.90 17.04
N GLU A 284 -0.09 -7.83 17.73
CA GLU A 284 -0.98 -7.15 18.70
C GLU A 284 -2.18 -6.51 17.97
N ILE A 285 -1.97 -5.94 16.80
CA ILE A 285 -3.09 -5.46 15.95
C ILE A 285 -4.04 -6.63 15.62
N GLN A 286 -3.50 -7.73 15.12
CA GLN A 286 -4.34 -8.85 14.61
C GLN A 286 -5.02 -9.58 15.77
N ASN A 287 -4.52 -9.44 16.99
CA ASN A 287 -5.13 -10.08 18.19
C ASN A 287 -6.08 -9.09 18.86
N HIS A 288 -6.11 -7.80 18.45
CA HIS A 288 -7.01 -6.81 19.06
C HIS A 288 -8.47 -7.28 18.95
N PRO A 289 -9.29 -7.07 19.99
CA PRO A 289 -10.70 -7.48 19.96
C PRO A 289 -11.48 -6.89 18.76
N TRP A 290 -11.17 -5.70 18.30
CA TRP A 290 -11.88 -5.13 17.12
C TRP A 290 -11.65 -6.00 15.87
N MET A 291 -10.56 -6.76 15.84
CA MET A 291 -10.14 -7.46 14.60
C MET A 291 -10.75 -8.87 14.55
N GLN A 292 -11.47 -9.30 15.56
CA GLN A 292 -11.95 -10.71 15.60
C GLN A 292 -13.14 -10.91 14.62
N ASP A 293 -13.31 -12.14 14.12
CA ASP A 293 -14.46 -12.57 13.28
C ASP A 293 -14.44 -11.87 11.91
N VAL A 294 -13.28 -11.74 11.27
CA VAL A 294 -13.17 -11.07 9.96
C VAL A 294 -13.98 -11.86 8.93
N LEU A 295 -14.56 -11.18 7.97
CA LEU A 295 -15.19 -11.82 6.80
C LEU A 295 -14.09 -12.41 5.92
N LEU A 296 -14.39 -13.50 5.21
CA LEU A 296 -13.55 -14.01 4.10
C LEU A 296 -13.66 -13.03 2.93
N PRO A 297 -12.67 -12.95 2.04
CA PRO A 297 -12.79 -12.09 0.85
C PRO A 297 -14.07 -12.29 0.03
N GLN A 298 -14.44 -13.54 -0.27
CA GLN A 298 -15.67 -13.83 -1.06
C GLN A 298 -16.91 -13.31 -0.31
N GLU A 299 -17.00 -13.44 1.01
CA GLU A 299 -18.16 -12.95 1.78
C GLU A 299 -18.20 -11.42 1.66
N THR A 300 -17.04 -10.81 1.78
CA THR A 300 -16.90 -9.34 1.71
C THR A 300 -17.48 -8.86 0.36
N ALA A 301 -17.13 -9.50 -0.73
CA ALA A 301 -17.58 -9.10 -2.09
C ALA A 301 -19.10 -9.29 -2.20
N GLU A 302 -19.63 -10.39 -1.65
CA GLU A 302 -21.09 -10.69 -1.78
C GLU A 302 -21.89 -9.68 -0.96
N ILE A 303 -21.43 -9.32 0.23
CA ILE A 303 -22.20 -8.46 1.16
C ILE A 303 -22.01 -6.99 0.78
N HIS A 304 -20.82 -6.57 0.38
CA HIS A 304 -20.49 -5.12 0.33
C HIS A 304 -20.21 -4.63 -1.08
N LEU A 305 -19.74 -5.49 -1.96
CA LEU A 305 -19.15 -5.03 -3.24
C LEU A 305 -20.07 -5.34 -4.45
N HIS A 306 -20.76 -6.49 -4.50
CA HIS A 306 -21.30 -7.10 -5.77
C HIS A 306 -22.51 -6.32 -6.30
#